data_2K4G
#
_entry.id   2K4G
#
_cell.length_a   1.000
_cell.length_b   1.000
_cell.length_c   1.000
_cell.angle_alpha   90.00
_cell.angle_beta   90.00
_cell.angle_gamma   90.00
#
_symmetry.space_group_name_H-M   'P 1'
#
loop_
_entity.id
_entity.type
_entity.pdbx_description
1 polymer "PNA (N'-(*(GPN)*(GPN)*(CPN)*(APN)*(TPN)*(GPN)*(CPN)*(CPN))-C')"
2 non-polymer METHYLAMINE
#
_entity_poly.entity_id   1
_entity_poly.type   'polydeoxyribonucleotide'
_entity_poly.pdbx_seq_one_letter_code
;(ACE)(GPN)(GPN)(CPN)(APN)(TPN)(GPN)(CPN)(CPN)
;
_entity_poly.pdbx_strand_id   A,B
#